data_9G35
#
_entry.id   9G35
#
_cell.length_a   45.539
_cell.length_b   73.519
_cell.length_c   53.410
_cell.angle_alpha   90.000
_cell.angle_beta   110.139
_cell.angle_gamma   90.000
#
_symmetry.space_group_name_H-M   'P 1 21 1'
#
loop_
_entity.id
_entity.type
_entity.pdbx_description
1 polymer Endothiapepsin
2 non-polymer N-{1-BENZYL-4-[2-(2,6-DIMETHYL-PHENOXY)-ACETYLAMINO]-3-HYDROXY-5-PHENYL-PENTYL}-3-METHYL-2-(2-OXO-TETRAHYDRO-PYRIMIDIN-1-YL)-BUTYRAMIDE
3 non-polymer 'TRIETHYLENE GLYCOL'
4 non-polymer 1,2-ETHANEDIOL
5 non-polymer 'TETRAETHYLENE GLYCOL'
6 water water
#
_entity_poly.entity_id   1
_entity_poly.type   'polypeptide(L)'
_entity_poly.pdbx_seq_one_letter_code
;STGSATTTPIDSLDDAYITPVQIGTPAQTLNLDFDTGSSDLWVFSSETTASEVDGQTIYTPSKSTTAKLLSGATWSISYG
DGSSSSGDVYTDTVSVGGLTVTGQAVESAKKVSSSFTEDSTIDGLLGLAFSTLNTVSPTQQKTFFDNAKASLDSPVFTAD
LGYHAPGTYNFGFIDTTAYTGSITYTAVSTKQGFWEWTSTGYAVGSGTFKSTSIDGIADTGTTLLYLPATVVSAYWAQVS
GAKSSSSVGGYVFPCSATLPSFTFGVGSARIVIPGDYIDFGPISTGSSSCFGGIQSSAGIGINIFGDVALKAAFVVFNGA
TTPTLGFASK
;
_entity_poly.pdbx_strand_id   A
#
loop_
_chem_comp.id
_chem_comp.type
_chem_comp.name
_chem_comp.formula
AB1 non-polymer N-{1-BENZYL-4-[2-(2,6-DIMETHYL-PHENOXY)-ACETYLAMINO]-3-HYDROXY-5-PHENYL-PENTYL}-3-METHYL-2-(2-OXO-TETRAHYDRO-PYRIMIDIN-1-YL)-BUTYRAMIDE 'C37 H48 N4 O5'
EDO non-polymer 1,2-ETHANEDIOL 'C2 H6 O2'
PG4 non-polymer 'TETRAETHYLENE GLYCOL' 'C8 H18 O5'
PGE non-polymer 'TRIETHYLENE GLYCOL' 'C6 H14 O4'
#
# COMPACT_ATOMS: atom_id res chain seq x y z
N SER A 1 -6.93 -17.97 -14.74
CA SER A 1 -6.13 -16.86 -15.24
C SER A 1 -5.15 -16.36 -14.19
N THR A 2 -4.13 -15.60 -14.63
CA THR A 2 -3.16 -14.96 -13.76
C THR A 2 -2.78 -13.60 -14.34
N GLY A 3 -2.15 -12.78 -13.51
CA GLY A 3 -1.53 -11.54 -13.95
C GLY A 3 -0.25 -11.30 -13.18
N SER A 4 0.65 -10.53 -13.80
CA SER A 4 1.92 -10.20 -13.16
C SER A 4 2.39 -8.83 -13.66
N ALA A 5 2.65 -7.91 -12.74
CA ALA A 5 3.10 -6.58 -13.14
C ALA A 5 4.22 -6.13 -12.21
N THR A 6 5.17 -5.38 -12.78
CA THR A 6 6.26 -4.81 -12.03
C THR A 6 5.80 -3.54 -11.31
N THR A 7 6.21 -3.39 -10.06
CA THR A 7 5.93 -2.20 -9.27
C THR A 7 7.26 -1.50 -8.96
N THR A 8 7.26 -0.16 -9.05
CA THR A 8 8.49 0.63 -9.07
C THR A 8 8.39 1.73 -8.02
N PRO A 9 9.44 1.95 -7.21
CA PRO A 9 9.42 3.10 -6.29
C PRO A 9 9.34 4.41 -7.06
N ILE A 10 8.57 5.36 -6.53
CA ILE A 10 8.41 6.64 -7.21
C ILE A 10 9.60 7.56 -7.04
N ASP A 11 10.47 7.31 -6.06
CA ASP A 11 11.61 8.19 -5.80
C ASP A 11 12.69 7.39 -5.08
N SER A 12 13.78 8.06 -4.72
CA SER A 12 14.95 7.40 -4.16
C SER A 12 14.73 6.92 -2.73
N LEU A 13 13.65 7.33 -2.09
CA LEU A 13 13.35 6.92 -0.72
C LEU A 13 12.30 5.83 -0.62
N ASP A 14 11.78 5.33 -1.74
CA ASP A 14 10.66 4.37 -1.73
C ASP A 14 9.43 4.97 -1.03
N ASP A 15 9.11 6.23 -1.34
CA ASP A 15 8.00 6.89 -0.67
C ASP A 15 6.67 6.26 -1.04
N ALA A 16 6.59 5.65 -2.21
CA ALA A 16 5.41 4.93 -2.69
C ALA A 16 5.86 4.11 -3.89
N TYR A 17 4.97 3.22 -4.35
CA TYR A 17 5.23 2.34 -5.47
C TYR A 17 4.13 2.49 -6.50
N ILE A 18 4.51 2.53 -7.77
CA ILE A 18 3.55 2.65 -8.86
C ILE A 18 3.64 1.42 -9.76
N THR A 19 2.48 1.05 -10.31
CA THR A 19 2.31 -0.15 -11.13
C THR A 19 1.50 0.24 -12.36
N PRO A 20 1.93 -0.10 -13.58
CA PRO A 20 1.16 0.29 -14.77
C PRO A 20 -0.12 -0.52 -14.89
N VAL A 21 -1.20 0.17 -15.26
CA VAL A 21 -2.54 -0.40 -15.39
C VAL A 21 -3.13 0.07 -16.72
N GLN A 22 -3.67 -0.85 -17.50
CA GLN A 22 -4.31 -0.52 -18.77
C GLN A 22 -5.80 -0.32 -18.56
N ILE A 23 -6.32 0.83 -18.99
CA ILE A 23 -7.73 1.16 -18.80
C ILE A 23 -8.34 1.51 -20.16
N GLY A 24 -9.45 0.87 -20.51
CA GLY A 24 -10.21 1.29 -21.68
C GLY A 24 -9.75 0.67 -22.99
N THR A 25 -10.43 1.10 -24.07
CA THR A 25 -10.20 0.60 -25.42
C THR A 25 -10.16 1.77 -26.39
N PRO A 26 -9.04 2.02 -27.09
CA PRO A 26 -7.74 1.38 -26.88
C PRO A 26 -7.21 1.68 -25.48
N ALA A 27 -6.20 0.93 -25.08
CA ALA A 27 -5.69 1.04 -23.72
C ALA A 27 -5.13 2.43 -23.45
N GLN A 28 -5.45 2.94 -22.26
CA GLN A 28 -4.79 4.10 -21.69
C GLN A 28 -4.04 3.60 -20.47
N THR A 29 -2.71 3.70 -20.50
CA THR A 29 -1.89 3.17 -19.41
C THR A 29 -1.63 4.27 -18.39
N LEU A 30 -2.06 4.02 -17.16
CA LEU A 30 -1.82 4.91 -16.03
C LEU A 30 -1.03 4.16 -14.97
N ASN A 31 -0.19 4.89 -14.23
CA ASN A 31 0.63 4.30 -13.18
C ASN A 31 -0.07 4.54 -11.84
N LEU A 32 -0.59 3.47 -11.26
CA LEU A 32 -1.42 3.56 -10.07
C LEU A 32 -0.68 3.04 -8.83
N ASP A 33 -1.06 3.59 -7.69
CA ASP A 33 -0.56 3.20 -6.38
C ASP A 33 -1.47 2.08 -5.86
N PHE A 34 -0.97 0.84 -5.90
CA PHE A 34 -1.72 -0.32 -5.41
C PHE A 34 -1.78 -0.26 -3.89
N ASP A 35 -3.00 -0.22 -3.35
CA ASP A 35 -3.24 0.19 -1.95
C ASP A 35 -4.08 -0.87 -1.24
N THR A 36 -3.43 -1.75 -0.47
CA THR A 36 -4.21 -2.75 0.25
C THR A 36 -4.92 -2.17 1.47
N GLY A 37 -4.82 -0.86 1.70
CA GLY A 37 -5.55 -0.18 2.73
C GLY A 37 -6.76 0.63 2.29
N SER A 38 -7.20 0.50 1.04
CA SER A 38 -8.41 1.18 0.59
C SER A 38 -9.02 0.34 -0.53
N SER A 39 -10.21 0.74 -1.00
CA SER A 39 -10.98 -0.15 -1.87
C SER A 39 -11.60 0.58 -3.05
N ASP A 40 -11.01 1.68 -3.47
CA ASP A 40 -11.45 2.45 -4.62
C ASP A 40 -10.36 2.43 -5.68
N LEU A 41 -10.75 2.21 -6.92
CA LEU A 41 -9.86 2.42 -8.08
C LEU A 41 -10.24 3.77 -8.65
N TRP A 42 -9.40 4.79 -8.42
CA TRP A 42 -9.69 6.13 -8.89
C TRP A 42 -8.50 6.69 -9.64
N VAL A 43 -8.78 7.56 -10.61
CA VAL A 43 -7.76 8.04 -11.54
C VAL A 43 -7.91 9.53 -11.78
N PHE A 44 -6.77 10.18 -11.97
CA PHE A 44 -6.76 11.48 -12.65
C PHE A 44 -7.40 11.33 -14.01
N SER A 45 -8.13 12.35 -14.46
CA SER A 45 -8.95 12.21 -15.65
C SER A 45 -9.09 13.53 -16.39
N SER A 46 -9.66 13.44 -17.59
CA SER A 46 -10.04 14.62 -18.36
C SER A 46 -11.06 15.48 -17.62
N GLU A 47 -11.69 14.97 -16.57
CA GLU A 47 -12.64 15.73 -15.77
C GLU A 47 -12.01 16.39 -14.56
N THR A 48 -10.74 16.11 -14.26
CA THR A 48 -10.12 16.67 -13.07
C THR A 48 -9.90 18.16 -13.29
N THR A 49 -10.29 18.96 -12.29
CA THR A 49 -10.04 20.40 -12.30
C THR A 49 -8.62 20.69 -12.78
N ALA A 50 -8.52 21.54 -13.81
CA ALA A 50 -7.26 21.67 -14.55
C ALA A 50 -6.13 22.14 -13.65
N SER A 51 -6.41 23.06 -12.73
CA SER A 51 -5.37 23.56 -11.83
C SER A 51 -4.89 22.50 -10.84
N GLU A 52 -5.59 21.38 -10.73
CA GLU A 52 -5.23 20.32 -9.81
C GLU A 52 -4.48 19.19 -10.51
N VAL A 53 -4.22 19.33 -11.81
CA VAL A 53 -3.41 18.38 -12.57
C VAL A 53 -2.05 19.03 -12.83
N ASP A 54 -0.98 18.32 -12.49
CA ASP A 54 0.38 18.85 -12.65
C ASP A 54 1.32 17.68 -12.99
N GLY A 55 1.21 17.21 -14.23
CA GLY A 55 2.11 16.22 -14.77
C GLY A 55 1.60 14.80 -14.80
N GLN A 56 0.46 14.53 -14.17
CA GLN A 56 -0.10 13.19 -14.16
C GLN A 56 -0.62 12.81 -15.53
N THR A 57 -0.60 11.51 -15.82
CA THR A 57 -1.30 10.98 -16.97
C THR A 57 -2.78 10.82 -16.62
N ILE A 58 -3.65 11.25 -17.54
CA ILE A 58 -5.09 11.27 -17.28
C ILE A 58 -5.81 10.21 -18.10
N TYR A 59 -6.89 9.70 -17.52
CA TYR A 59 -7.85 8.84 -18.20
C TYR A 59 -8.90 9.73 -18.88
N THR A 60 -9.13 9.49 -20.17
CA THR A 60 -10.16 10.23 -20.90
C THR A 60 -11.25 9.26 -21.32
N PRO A 61 -12.35 9.16 -20.56
CA PRO A 61 -13.36 8.13 -20.88
C PRO A 61 -13.99 8.31 -22.25
N SER A 62 -14.10 9.55 -22.73
CA SER A 62 -14.72 9.77 -24.03
C SER A 62 -13.92 9.16 -25.17
N LYS A 63 -12.65 8.83 -24.95
CA LYS A 63 -11.81 8.19 -25.96
C LYS A 63 -11.78 6.68 -25.81
N SER A 64 -12.50 6.12 -24.85
CA SER A 64 -12.59 4.68 -24.65
C SER A 64 -13.94 4.17 -25.15
N THR A 65 -13.90 3.29 -26.16
CA THR A 65 -15.14 2.77 -26.73
C THR A 65 -15.86 1.81 -25.81
N THR A 66 -15.22 1.35 -24.74
CA THR A 66 -15.84 0.45 -23.78
C THR A 66 -16.25 1.15 -22.49
N ALA A 67 -15.98 2.45 -22.35
CA ALA A 67 -16.38 3.19 -21.16
C ALA A 67 -17.87 3.49 -21.18
N LYS A 68 -18.52 3.34 -20.02
CA LYS A 68 -19.91 3.70 -19.83
C LYS A 68 -20.06 4.44 -18.51
N LEU A 69 -20.66 5.63 -18.56
CA LEU A 69 -20.96 6.35 -17.33
C LEU A 69 -21.89 5.53 -16.47
N LEU A 70 -21.55 5.38 -15.19
CA LEU A 70 -22.42 4.69 -14.25
C LEU A 70 -23.38 5.74 -13.69
N SER A 71 -24.63 5.68 -14.14
CA SER A 71 -25.57 6.77 -13.93
C SER A 71 -25.83 7.01 -12.45
N GLY A 72 -25.65 8.26 -12.03
CA GLY A 72 -25.96 8.66 -10.67
C GLY A 72 -24.90 8.34 -9.65
N ALA A 73 -23.81 7.67 -10.04
CA ALA A 73 -22.83 7.21 -9.07
C ALA A 73 -21.74 8.26 -8.84
N THR A 74 -21.43 8.51 -7.58
CA THR A 74 -20.33 9.40 -7.22
C THR A 74 -19.47 8.73 -6.15
N TRP A 75 -18.28 9.30 -5.93
CA TRP A 75 -17.37 8.79 -4.92
C TRP A 75 -16.65 9.95 -4.27
N SER A 76 -16.21 9.72 -3.04
CA SER A 76 -15.51 10.71 -2.23
C SER A 76 -14.72 9.96 -1.16
N ILE A 77 -13.43 10.24 -1.06
CA ILE A 77 -12.58 9.52 -0.13
C ILE A 77 -11.72 10.53 0.63
N SER A 78 -11.47 10.22 1.90
CA SER A 78 -10.50 10.94 2.72
C SER A 78 -9.57 9.90 3.34
N TYR A 79 -8.27 10.10 3.18
CA TYR A 79 -7.29 9.12 3.62
C TYR A 79 -6.73 9.50 4.98
N GLY A 80 -5.94 8.58 5.56
CA GLY A 80 -5.43 8.74 6.92
C GLY A 80 -4.62 10.00 7.15
N ASP A 81 -4.01 10.56 6.12
CA ASP A 81 -3.22 11.79 6.23
C ASP A 81 -4.02 13.05 5.96
N GLY A 82 -5.33 12.93 5.72
CA GLY A 82 -6.15 14.09 5.40
C GLY A 82 -6.23 14.43 3.92
N SER A 83 -5.59 13.65 3.06
CA SER A 83 -5.73 13.82 1.62
C SER A 83 -7.07 13.27 1.17
N SER A 84 -7.56 13.79 0.04
CA SER A 84 -8.91 13.50 -0.41
C SER A 84 -9.03 13.64 -1.92
N SER A 85 -10.07 13.00 -2.46
CA SER A 85 -10.40 13.11 -3.87
C SER A 85 -11.88 12.73 -4.02
N SER A 86 -12.47 13.13 -5.15
CA SER A 86 -13.88 12.81 -5.40
C SER A 86 -14.21 12.97 -6.88
N GLY A 87 -15.32 12.35 -7.30
CA GLY A 87 -15.76 12.51 -8.68
C GLY A 87 -16.92 11.61 -9.05
N ASP A 88 -16.97 11.24 -10.33
CA ASP A 88 -18.02 10.37 -10.87
C ASP A 88 -17.41 9.03 -11.25
N VAL A 89 -18.19 8.15 -11.90
CA VAL A 89 -17.79 6.75 -12.04
C VAL A 89 -18.13 6.27 -13.45
N TYR A 90 -17.18 5.58 -14.08
CA TYR A 90 -17.40 4.82 -15.30
C TYR A 90 -17.16 3.35 -15.03
N THR A 91 -17.77 2.49 -15.83
CA THR A 91 -17.29 1.11 -15.93
C THR A 91 -16.48 1.00 -17.21
N ASP A 92 -15.39 0.23 -17.15
CA ASP A 92 -14.52 0.06 -18.30
C ASP A 92 -13.69 -1.21 -18.11
N THR A 93 -12.99 -1.59 -19.17
CA THR A 93 -12.05 -2.71 -19.10
C THR A 93 -10.75 -2.28 -18.46
N VAL A 94 -10.27 -3.07 -17.50
CA VAL A 94 -9.05 -2.77 -16.76
C VAL A 94 -8.18 -4.02 -16.77
N SER A 95 -6.91 -3.86 -17.14
CA SER A 95 -5.96 -4.97 -17.16
C SER A 95 -4.70 -4.64 -16.36
N VAL A 96 -4.23 -5.62 -15.61
CA VAL A 96 -3.01 -5.52 -14.81
C VAL A 96 -2.14 -6.71 -15.21
N GLY A 97 -1.03 -6.42 -15.87
CA GLY A 97 -0.04 -7.46 -16.15
C GLY A 97 -0.63 -8.67 -16.84
N GLY A 98 -1.55 -8.46 -17.79
CA GLY A 98 -2.15 -9.55 -18.54
C GLY A 98 -3.46 -10.09 -17.99
N LEU A 99 -3.87 -9.68 -16.80
CA LEU A 99 -5.15 -10.09 -16.22
C LEU A 99 -6.20 -9.01 -16.49
N THR A 100 -7.32 -9.39 -17.11
CA THR A 100 -8.32 -8.44 -17.58
C THR A 100 -9.64 -8.60 -16.85
N VAL A 101 -10.20 -7.48 -16.40
CA VAL A 101 -11.54 -7.39 -15.82
C VAL A 101 -12.37 -6.47 -16.71
N THR A 102 -13.50 -6.98 -17.20
CA THR A 102 -14.46 -6.11 -17.88
C THR A 102 -15.47 -5.60 -16.86
N GLY A 103 -15.98 -4.40 -17.10
CA GLY A 103 -16.99 -3.85 -16.22
C GLY A 103 -16.46 -3.35 -14.89
N GLN A 104 -15.17 -3.07 -14.80
CA GLN A 104 -14.60 -2.56 -13.57
C GLN A 104 -15.03 -1.12 -13.34
N ALA A 105 -15.43 -0.81 -12.10
CA ALA A 105 -15.71 0.58 -11.75
C ALA A 105 -14.41 1.39 -11.73
N VAL A 106 -14.32 2.39 -12.58
CA VAL A 106 -13.17 3.29 -12.66
C VAL A 106 -13.66 4.66 -12.20
N GLU A 107 -13.17 5.10 -11.05
CA GLU A 107 -13.68 6.31 -10.41
C GLU A 107 -12.86 7.49 -10.91
N SER A 108 -13.50 8.37 -11.67
CA SER A 108 -12.81 9.45 -12.36
C SER A 108 -12.84 10.69 -11.46
N ALA A 109 -11.66 11.26 -11.19
CA ALA A 109 -11.57 12.38 -10.26
C ALA A 109 -12.03 13.68 -10.91
N LYS A 110 -12.92 14.38 -10.23
CA LYS A 110 -13.18 15.78 -10.54
C LYS A 110 -12.36 16.72 -9.68
N LYS A 111 -12.06 16.30 -8.45
CA LYS A 111 -11.27 17.06 -7.48
C LYS A 111 -10.28 16.13 -6.81
N VAL A 112 -9.06 16.62 -6.60
CA VAL A 112 -8.07 15.94 -5.77
C VAL A 112 -7.45 16.96 -4.84
N SER A 113 -6.99 16.50 -3.69
CA SER A 113 -6.34 17.40 -2.76
C SER A 113 -4.87 17.62 -3.16
N SER A 114 -4.25 18.60 -2.49
CA SER A 114 -2.97 19.13 -2.98
C SER A 114 -1.88 18.08 -2.98
N SER A 115 -1.89 17.14 -2.02
CA SER A 115 -0.81 16.15 -1.98
C SER A 115 -0.84 15.27 -3.22
N PHE A 116 -2.02 15.02 -3.79
CA PHE A 116 -2.06 14.27 -5.04
C PHE A 116 -1.58 15.12 -6.21
N THR A 117 -2.03 16.37 -6.29
CA THR A 117 -1.55 17.27 -7.35
C THR A 117 -0.04 17.37 -7.35
N GLU A 118 0.57 17.45 -6.17
CA GLU A 118 2.00 17.66 -6.04
C GLU A 118 2.82 16.42 -6.31
N ASP A 119 2.19 15.24 -6.43
CA ASP A 119 2.91 14.03 -6.76
C ASP A 119 2.63 13.68 -8.22
N SER A 120 3.52 14.15 -9.09
CA SER A 120 3.34 13.97 -10.53
C SER A 120 3.45 12.52 -10.96
N THR A 121 3.98 11.63 -10.12
CA THR A 121 4.28 10.25 -10.49
C THR A 121 3.12 9.29 -10.25
N ILE A 122 2.09 9.70 -9.51
CA ILE A 122 0.98 8.82 -9.15
C ILE A 122 -0.27 9.29 -9.89
N ASP A 123 -0.76 8.46 -10.81
CA ASP A 123 -1.92 8.80 -11.61
C ASP A 123 -3.24 8.37 -10.98
N GLY A 124 -3.20 7.77 -9.81
CA GLY A 124 -4.40 7.33 -9.12
C GLY A 124 -4.07 6.17 -8.20
N LEU A 125 -5.11 5.59 -7.63
CA LEU A 125 -4.97 4.47 -6.70
C LEU A 125 -5.76 3.27 -7.20
N LEU A 126 -5.25 2.08 -6.91
CA LEU A 126 -5.98 0.84 -7.15
C LEU A 126 -6.14 0.16 -5.79
N GLY A 127 -7.36 0.22 -5.24
CA GLY A 127 -7.60 -0.34 -3.90
C GLY A 127 -7.70 -1.86 -3.90
N LEU A 128 -7.07 -2.47 -2.89
CA LEU A 128 -7.04 -3.92 -2.74
C LEU A 128 -7.43 -4.37 -1.34
N ALA A 129 -8.04 -3.50 -0.55
CA ALA A 129 -8.71 -3.89 0.69
C ALA A 129 -10.07 -4.50 0.32
N PHE A 130 -10.92 -4.73 1.32
CA PHE A 130 -12.16 -5.43 1.03
C PHE A 130 -13.23 -4.47 0.51
N SER A 131 -14.10 -4.99 -0.36
CA SER A 131 -15.03 -4.11 -1.08
C SER A 131 -16.01 -3.40 -0.15
N THR A 132 -16.17 -3.85 1.09
CA THR A 132 -17.03 -3.15 2.03
C THR A 132 -16.60 -1.71 2.27
N LEU A 133 -15.34 -1.35 1.99
CA LEU A 133 -14.86 0.01 2.16
C LEU A 133 -15.02 0.88 0.92
N ASN A 134 -15.49 0.32 -0.19
CA ASN A 134 -15.62 1.13 -1.40
C ASN A 134 -16.59 2.29 -1.18
N THR A 135 -16.23 3.48 -1.66
CA THR A 135 -16.99 4.69 -1.34
C THR A 135 -18.05 5.06 -2.37
N VAL A 136 -18.20 4.32 -3.47
CA VAL A 136 -19.18 4.72 -4.47
C VAL A 136 -20.59 4.68 -3.91
N SER A 137 -21.35 5.73 -4.19
CA SER A 137 -22.71 5.93 -3.72
C SER A 137 -23.58 6.31 -4.91
N PRO A 138 -24.83 5.82 -4.97
CA PRO A 138 -25.55 5.07 -3.94
C PRO A 138 -25.36 3.55 -4.00
N THR A 139 -24.58 3.05 -4.97
CA THR A 139 -24.38 1.62 -5.17
C THR A 139 -22.90 1.31 -5.06
N GLN A 140 -22.51 0.68 -3.96
N GLN A 140 -22.51 0.67 -3.96
CA GLN A 140 -21.10 0.34 -3.73
CA GLN A 140 -21.13 0.26 -3.73
C GLN A 140 -20.59 -0.58 -4.83
C GLN A 140 -20.60 -0.57 -4.89
N GLN A 141 -19.33 -0.39 -5.22
CA GLN A 141 -18.69 -1.13 -6.30
C GLN A 141 -17.58 -2.04 -5.78
N LYS A 142 -17.23 -3.03 -6.59
CA LYS A 142 -16.25 -4.05 -6.20
CA LYS A 142 -16.25 -4.05 -6.20
C LYS A 142 -14.83 -3.66 -6.63
N THR A 143 -13.85 -4.12 -5.84
CA THR A 143 -12.45 -3.91 -6.19
C THR A 143 -12.07 -4.76 -7.40
N PHE A 144 -10.95 -4.37 -8.01
CA PHE A 144 -10.38 -5.13 -9.11
C PHE A 144 -10.15 -6.59 -8.72
N PHE A 145 -9.59 -6.82 -7.52
CA PHE A 145 -9.33 -8.19 -7.09
C PHE A 145 -10.65 -8.95 -6.87
N ASP A 146 -11.65 -8.30 -6.28
CA ASP A 146 -12.95 -8.95 -6.08
CA ASP A 146 -12.92 -8.98 -6.08
C ASP A 146 -13.55 -9.38 -7.42
N ASN A 147 -13.46 -8.50 -8.42
CA ASN A 147 -14.02 -8.83 -9.74
C ASN A 147 -13.26 -9.95 -10.42
N ALA A 148 -11.94 -10.02 -10.22
CA ALA A 148 -11.11 -11.01 -10.90
C ALA A 148 -11.09 -12.35 -10.19
N LYS A 149 -11.42 -12.38 -8.90
CA LYS A 149 -11.06 -13.50 -8.04
C LYS A 149 -11.56 -14.85 -8.57
N ALA A 150 -12.81 -14.89 -9.05
CA ALA A 150 -13.37 -16.18 -9.44
C ALA A 150 -12.66 -16.77 -10.64
N SER A 151 -12.11 -15.91 -11.50
CA SER A 151 -11.41 -16.35 -12.70
C SER A 151 -9.97 -16.75 -12.43
N LEU A 152 -9.40 -16.33 -11.31
CA LEU A 152 -7.99 -16.62 -11.04
C LEU A 152 -7.75 -18.10 -10.78
N ASP A 153 -6.55 -18.56 -11.13
CA ASP A 153 -6.18 -19.95 -10.84
C ASP A 153 -6.32 -20.23 -9.34
N SER A 154 -5.94 -19.28 -8.51
N SER A 154 -5.94 -19.28 -8.51
CA SER A 154 -6.12 -19.32 -7.06
CA SER A 154 -6.16 -19.32 -7.08
C SER A 154 -6.55 -17.92 -6.64
C SER A 154 -6.55 -17.92 -6.63
N PRO A 155 -7.44 -17.81 -5.64
CA PRO A 155 -7.99 -16.49 -5.25
C PRO A 155 -7.05 -15.69 -4.36
N VAL A 156 -5.89 -15.32 -4.91
CA VAL A 156 -4.82 -14.70 -4.14
C VAL A 156 -4.14 -13.62 -4.98
N PHE A 157 -3.50 -12.67 -4.30
CA PHE A 157 -2.50 -11.84 -4.94
C PHE A 157 -1.33 -11.70 -3.99
N THR A 158 -0.16 -11.38 -4.55
CA THR A 158 1.05 -11.31 -3.74
C THR A 158 1.76 -9.99 -4.00
N ALA A 159 2.37 -9.46 -2.93
CA ALA A 159 3.11 -8.21 -2.98
C ALA A 159 4.57 -8.51 -2.67
N ASP A 160 5.45 -8.11 -3.59
CA ASP A 160 6.89 -8.34 -3.46
C ASP A 160 7.54 -6.99 -3.75
N LEU A 161 7.52 -6.11 -2.75
CA LEU A 161 8.03 -4.76 -2.92
C LEU A 161 9.54 -4.75 -2.77
N GLY A 162 10.22 -4.00 -3.63
CA GLY A 162 11.67 -3.90 -3.57
C GLY A 162 12.16 -2.77 -2.68
N TYR A 163 13.37 -2.94 -2.13
CA TYR A 163 14.06 -1.86 -1.45
C TYR A 163 14.95 -1.17 -2.47
N HIS A 164 14.64 0.07 -2.80
CA HIS A 164 15.40 0.84 -3.78
C HIS A 164 15.51 0.09 -5.10
N ALA A 165 14.45 -0.64 -5.47
CA ALA A 165 14.52 -1.53 -6.61
C ALA A 165 13.10 -1.89 -7.03
N PRO A 166 12.91 -2.32 -8.27
CA PRO A 166 11.58 -2.79 -8.68
C PRO A 166 11.18 -4.06 -7.96
N GLY A 167 9.87 -4.30 -7.96
CA GLY A 167 9.28 -5.48 -7.37
C GLY A 167 8.11 -5.95 -8.21
N THR A 168 7.24 -6.78 -7.63
CA THR A 168 6.21 -7.45 -8.42
C THR A 168 4.92 -7.60 -7.63
N TYR A 169 3.79 -7.35 -8.32
CA TYR A 169 2.47 -7.79 -7.88
C TYR A 169 2.02 -8.92 -8.79
N ASN A 170 1.72 -10.08 -8.20
CA ASN A 170 1.17 -11.21 -8.94
C ASN A 170 -0.27 -11.45 -8.51
N PHE A 171 -1.10 -11.84 -9.46
CA PHE A 171 -2.48 -12.20 -9.20
C PHE A 171 -2.71 -13.63 -9.65
N GLY A 172 -3.25 -14.45 -8.74
CA GLY A 172 -3.71 -15.77 -9.08
C GLY A 172 -2.71 -16.89 -8.90
N PHE A 173 -1.48 -16.61 -8.47
CA PHE A 173 -0.49 -17.66 -8.28
C PHE A 173 0.58 -17.18 -7.32
N ILE A 174 1.27 -18.15 -6.72
CA ILE A 174 2.38 -17.91 -5.81
C ILE A 174 3.67 -18.34 -6.51
N ASP A 175 4.55 -17.38 -6.75
CA ASP A 175 5.86 -17.63 -7.36
C ASP A 175 6.79 -18.19 -6.29
N THR A 176 6.99 -19.51 -6.30
CA THR A 176 7.80 -20.15 -5.27
C THR A 176 9.28 -19.83 -5.39
N THR A 177 9.71 -19.18 -6.47
CA THR A 177 11.10 -18.75 -6.57
C THR A 177 11.34 -17.35 -5.99
N ALA A 178 10.28 -16.68 -5.52
CA ALA A 178 10.38 -15.29 -5.08
C ALA A 178 10.66 -15.15 -3.59
N TYR A 179 10.78 -16.24 -2.85
CA TYR A 179 10.99 -16.14 -1.41
C TYR A 179 11.86 -17.30 -0.97
N THR A 180 12.36 -17.22 0.26
CA THR A 180 13.15 -18.29 0.85
C THR A 180 12.34 -18.94 1.96
N GLY A 181 12.73 -20.15 2.34
CA GLY A 181 12.01 -20.84 3.40
C GLY A 181 10.56 -21.08 3.04
N SER A 182 9.72 -21.02 4.06
CA SER A 182 8.29 -21.27 3.93
C SER A 182 7.49 -19.99 4.16
N ILE A 183 6.24 -20.02 3.66
CA ILE A 183 5.27 -18.97 3.96
C ILE A 183 4.52 -19.35 5.22
N THR A 184 4.50 -18.45 6.21
CA THR A 184 3.70 -18.62 7.41
C THR A 184 2.42 -17.80 7.27
N TYR A 185 1.29 -18.45 7.41
CA TYR A 185 0.00 -17.81 7.28
C TYR A 185 -0.56 -17.46 8.65
N THR A 186 -1.33 -16.39 8.69
CA THR A 186 -1.87 -15.85 9.93
C THR A 186 -3.29 -15.36 9.70
N ALA A 187 -4.09 -15.35 10.75
CA ALA A 187 -5.52 -15.06 10.62
C ALA A 187 -5.77 -13.58 10.33
N VAL A 188 -6.86 -13.33 9.61
CA VAL A 188 -7.25 -12.00 9.18
C VAL A 188 -8.64 -11.72 9.72
N SER A 189 -8.84 -10.53 10.31
CA SER A 189 -10.15 -9.99 10.59
C SER A 189 -10.52 -9.00 9.50
N THR A 190 -11.70 -9.18 8.89
CA THR A 190 -12.18 -8.28 7.87
C THR A 190 -13.23 -7.30 8.39
N LYS A 191 -13.41 -7.23 9.71
CA LYS A 191 -14.53 -6.47 10.26
C LYS A 191 -14.39 -4.97 10.04
N GLN A 192 -13.17 -4.46 9.94
CA GLN A 192 -12.94 -3.06 9.58
C GLN A 192 -12.68 -2.86 8.10
N GLY A 193 -12.79 -3.92 7.29
CA GLY A 193 -12.55 -3.84 5.86
C GLY A 193 -11.10 -3.91 5.43
N PHE A 194 -10.18 -4.12 6.36
CA PHE A 194 -8.75 -4.13 6.10
C PHE A 194 -8.21 -5.55 6.16
N TRP A 195 -6.98 -5.73 5.68
CA TRP A 195 -6.20 -6.94 5.92
C TRP A 195 -5.59 -6.82 7.32
N GLU A 196 -6.43 -7.03 8.32
CA GLU A 196 -6.05 -6.81 9.71
C GLU A 196 -5.62 -8.13 10.35
N TRP A 197 -4.46 -8.13 11.00
CA TRP A 197 -3.86 -9.33 11.55
C TRP A 197 -3.17 -8.99 12.86
N THR A 198 -2.61 -9.99 13.52
CA THR A 198 -1.99 -9.82 14.84
C THR A 198 -0.57 -10.37 14.80
N SER A 199 0.41 -9.46 14.83
CA SER A 199 1.79 -9.86 14.99
C SER A 199 2.04 -10.42 16.37
N THR A 200 2.96 -11.37 16.44
CA THR A 200 3.26 -12.04 17.71
C THR A 200 4.37 -11.35 18.51
N GLY A 201 5.01 -10.32 17.99
CA GLY A 201 5.97 -9.58 18.79
C GLY A 201 7.06 -8.94 17.94
N TYR A 202 8.14 -8.55 18.60
CA TYR A 202 9.18 -7.80 17.90
C TYR A 202 10.52 -7.95 18.61
N ALA A 203 11.57 -7.62 17.87
CA ALA A 203 12.89 -7.43 18.44
C ALA A 203 13.57 -6.24 17.79
N VAL A 204 14.50 -5.63 18.51
CA VAL A 204 15.28 -4.50 18.02
C VAL A 204 16.72 -4.97 17.84
N GLY A 205 17.23 -4.88 16.62
CA GLY A 205 18.58 -5.34 16.36
C GLY A 205 18.77 -6.79 16.78
N SER A 206 19.88 -7.07 17.46
CA SER A 206 20.17 -8.41 17.97
CA SER A 206 20.16 -8.40 17.97
C SER A 206 19.55 -8.67 19.34
N GLY A 207 18.66 -7.80 19.81
CA GLY A 207 18.07 -7.92 21.12
C GLY A 207 17.06 -9.06 21.25
N THR A 208 16.62 -9.24 22.49
CA THR A 208 15.67 -10.29 22.84
C THR A 208 14.33 -10.05 22.15
N PHE A 209 13.73 -11.12 21.62
CA PHE A 209 12.39 -11.03 21.05
C PHE A 209 11.36 -10.88 22.17
N LYS A 210 10.49 -9.88 22.03
CA LYS A 210 9.43 -9.61 22.99
C LYS A 210 8.12 -10.18 22.44
N SER A 211 7.56 -11.16 23.14
CA SER A 211 6.30 -11.77 22.73
C SER A 211 5.15 -10.88 23.22
N THR A 212 4.42 -10.29 22.28
CA THR A 212 3.32 -9.38 22.58
C THR A 212 2.47 -9.26 21.34
N SER A 213 1.16 -9.23 21.52
CA SER A 213 0.23 -9.16 20.41
C SER A 213 0.12 -7.74 19.89
N ILE A 214 0.38 -7.55 18.59
CA ILE A 214 0.29 -6.23 17.97
C ILE A 214 -0.70 -6.34 16.81
N ASP A 215 -1.92 -5.84 17.03
CA ASP A 215 -2.95 -5.78 16.01
CA ASP A 215 -2.94 -5.80 15.99
C ASP A 215 -2.64 -4.69 15.00
N GLY A 216 -2.69 -5.02 13.71
CA GLY A 216 -2.42 -3.97 12.73
C GLY A 216 -2.86 -4.41 11.36
N ILE A 217 -2.70 -3.52 10.38
CA ILE A 217 -3.13 -3.81 9.01
C ILE A 217 -1.93 -3.89 8.08
N ALA A 218 -2.01 -4.79 7.10
CA ALA A 218 -1.01 -4.88 6.04
C ALA A 218 -1.41 -3.91 4.94
N ASP A 219 -0.65 -2.82 4.78
CA ASP A 219 -1.08 -1.69 3.95
C ASP A 219 0.03 -1.27 2.99
N THR A 220 -0.07 -1.73 1.74
CA THR A 220 0.92 -1.33 0.74
C THR A 220 0.86 0.17 0.40
N GLY A 221 -0.25 0.83 0.69
CA GLY A 221 -0.42 2.26 0.42
C GLY A 221 0.06 3.20 1.51
N THR A 222 0.64 2.68 2.58
CA THR A 222 1.28 3.50 3.61
C THR A 222 2.79 3.28 3.52
N THR A 223 3.56 4.36 3.56
CA THR A 223 5.01 4.26 3.39
C THR A 223 5.69 3.62 4.60
N LEU A 224 5.34 4.05 5.80
CA LEU A 224 6.12 3.75 6.99
C LEU A 224 5.47 2.65 7.83
N LEU A 225 6.20 2.26 8.88
CA LEU A 225 5.76 1.27 9.85
C LEU A 225 5.30 2.02 11.09
N TYR A 226 4.01 1.94 11.41
CA TYR A 226 3.42 2.65 12.55
C TYR A 226 3.04 1.63 13.61
N LEU A 227 3.66 1.74 14.78
CA LEU A 227 3.54 0.76 15.84
C LEU A 227 3.29 1.46 17.17
N PRO A 228 2.91 0.72 18.22
CA PRO A 228 2.63 1.37 19.51
C PRO A 228 3.83 2.13 20.04
N ALA A 229 3.54 3.19 20.81
CA ALA A 229 4.59 4.08 21.30
C ALA A 229 5.65 3.34 22.11
N THR A 230 5.26 2.33 22.88
CA THR A 230 6.25 1.59 23.66
C THR A 230 7.25 0.89 22.75
N VAL A 231 6.76 0.31 21.67
CA VAL A 231 7.62 -0.41 20.73
C VAL A 231 8.55 0.56 20.02
N VAL A 232 8.00 1.69 19.56
CA VAL A 232 8.78 2.66 18.81
C VAL A 232 9.82 3.32 19.70
N SER A 233 9.48 3.59 20.97
CA SER A 233 10.48 4.14 21.89
C SER A 233 11.62 3.16 22.10
N ALA A 234 11.31 1.87 22.24
CA ALA A 234 12.36 0.87 22.40
C ALA A 234 13.27 0.80 21.19
N TYR A 235 12.71 0.96 19.98
CA TYR A 235 13.58 0.96 18.80
C TYR A 235 14.52 2.16 18.80
N TRP A 236 13.98 3.37 18.91
CA TRP A 236 14.82 4.55 18.71
C TRP A 236 15.78 4.78 19.87
N ALA A 237 15.53 4.16 21.03
CA ALA A 237 16.49 4.21 22.12
C ALA A 237 17.82 3.56 21.77
N GLN A 238 17.84 2.72 20.74
CA GLN A 238 19.05 2.07 20.30
C GLN A 238 19.80 2.87 19.25
N VAL A 239 19.35 4.08 18.94
CA VAL A 239 19.99 4.94 17.94
C VAL A 239 20.47 6.19 18.66
N SER A 240 21.78 6.33 18.79
CA SER A 240 22.33 7.45 19.55
C SER A 240 21.93 8.78 18.92
N GLY A 241 21.34 9.66 19.73
CA GLY A 241 20.91 10.96 19.26
C GLY A 241 19.52 11.02 18.70
N ALA A 242 18.83 9.88 18.56
CA ALA A 242 17.46 9.93 18.05
C ALA A 242 16.53 10.55 19.09
N LYS A 243 15.51 11.24 18.60
CA LYS A 243 14.52 11.85 19.49
C LYS A 243 13.21 12.01 18.76
N SER A 244 12.12 12.07 19.53
CA SER A 244 10.83 12.43 18.97
C SER A 244 10.72 13.95 18.89
N SER A 245 10.52 14.47 17.69
CA SER A 245 10.39 15.90 17.46
C SER A 245 8.92 16.26 17.22
N SER A 246 8.35 17.09 18.11
CA SER A 246 6.96 17.52 17.90
C SER A 246 6.84 18.46 16.70
N SER A 247 7.88 19.26 16.42
CA SER A 247 7.81 20.16 15.28
C SER A 247 7.89 19.39 13.96
N VAL A 248 8.77 18.40 13.88
CA VAL A 248 8.87 17.59 12.67
C VAL A 248 7.68 16.65 12.54
N GLY A 249 7.16 16.16 13.67
CA GLY A 249 6.06 15.23 13.67
C GLY A 249 6.42 13.77 13.76
N GLY A 250 7.56 13.45 14.38
CA GLY A 250 7.92 12.06 14.60
C GLY A 250 9.36 11.97 15.03
N TYR A 251 9.83 10.73 15.09
CA TYR A 251 11.22 10.46 15.44
C TYR A 251 12.15 10.86 14.30
N VAL A 252 13.22 11.56 14.67
CA VAL A 252 14.31 11.94 13.78
C VAL A 252 15.61 11.43 14.39
N PHE A 253 16.64 11.31 13.56
CA PHE A 253 17.90 10.73 14.02
C PHE A 253 19.05 11.33 13.22
N PRO A 254 20.27 11.33 13.76
CA PRO A 254 21.40 11.90 13.01
C PRO A 254 21.66 11.10 11.74
N CYS A 255 21.82 11.81 10.62
CA CYS A 255 21.99 11.09 9.36
C CYS A 255 23.25 10.23 9.33
N SER A 256 24.23 10.50 10.21
CA SER A 256 25.44 9.69 10.31
C SER A 256 25.23 8.37 11.05
N ALA A 257 24.04 8.12 11.60
CA ALA A 257 23.83 6.90 12.39
C ALA A 257 23.73 5.66 11.50
N THR A 258 24.12 4.52 12.07
CA THR A 258 23.84 3.22 11.49
C THR A 258 22.64 2.65 12.24
N LEU A 259 21.56 2.39 11.52
CA LEU A 259 20.32 1.99 12.17
C LEU A 259 20.30 0.49 12.45
N PRO A 260 19.79 0.07 13.60
CA PRO A 260 19.60 -1.36 13.83
C PRO A 260 18.41 -1.91 13.03
N SER A 261 18.43 -3.21 12.82
CA SER A 261 17.28 -3.87 12.21
C SER A 261 16.09 -3.88 13.17
N PHE A 262 14.93 -4.21 12.61
CA PHE A 262 13.70 -4.39 13.39
C PHE A 262 13.05 -5.69 12.93
N THR A 263 12.77 -6.58 13.88
CA THR A 263 12.16 -7.87 13.58
C THR A 263 10.71 -7.89 14.07
N PHE A 264 9.79 -8.40 13.24
CA PHE A 264 8.41 -8.60 13.68
C PHE A 264 8.01 -10.06 13.51
N GLY A 265 7.12 -10.51 14.39
CA GLY A 265 6.69 -11.90 14.41
C GLY A 265 5.44 -12.15 13.59
N VAL A 266 5.44 -13.28 12.89
CA VAL A 266 4.28 -13.79 12.19
C VAL A 266 4.15 -15.23 12.67
N GLY A 267 3.23 -15.47 13.61
CA GLY A 267 3.25 -16.75 14.29
C GLY A 267 4.61 -16.99 14.92
N SER A 268 5.16 -18.20 14.71
CA SER A 268 6.51 -18.48 15.19
C SER A 268 7.59 -17.98 14.24
N ALA A 269 7.22 -17.47 13.07
CA ALA A 269 8.18 -16.99 12.09
C ALA A 269 8.60 -15.55 12.39
N ARG A 270 9.69 -15.13 11.77
CA ARG A 270 10.26 -13.81 12.02
C ARG A 270 10.62 -13.15 10.71
N ILE A 271 10.22 -11.89 10.54
CA ILE A 271 10.60 -11.08 9.40
C ILE A 271 11.56 -10.00 9.88
N VAL A 272 12.73 -9.93 9.27
CA VAL A 272 13.78 -8.98 9.66
C VAL A 272 13.81 -7.82 8.69
N ILE A 273 13.52 -6.61 9.18
CA ILE A 273 13.65 -5.38 8.40
C ILE A 273 15.07 -4.85 8.60
N PRO A 274 15.91 -4.84 7.56
CA PRO A 274 17.25 -4.25 7.71
C PRO A 274 17.19 -2.78 8.14
N GLY A 275 18.19 -2.38 8.91
CA GLY A 275 18.25 -1.01 9.39
C GLY A 275 18.13 0.04 8.30
N ASP A 276 18.77 -0.22 7.15
N ASP A 276 18.76 -0.19 7.15
CA ASP A 276 18.75 0.76 6.06
CA ASP A 276 18.71 0.91 6.18
C ASP A 276 17.34 1.05 5.58
C ASP A 276 17.33 1.05 5.52
N TYR A 277 16.43 0.09 5.70
CA TYR A 277 15.06 0.28 5.25
C TYR A 277 14.33 1.34 6.08
N ILE A 278 14.88 1.68 7.24
CA ILE A 278 14.22 2.56 8.20
C ILE A 278 14.72 4.01 8.05
N ASP A 279 15.61 4.26 7.09
CA ASP A 279 16.19 5.60 6.86
C ASP A 279 15.40 6.30 5.76
N PHE A 280 14.70 7.39 6.09
CA PHE A 280 13.98 8.16 5.09
C PHE A 280 14.58 9.53 4.82
N GLY A 281 15.86 9.69 5.13
CA GLY A 281 16.63 10.79 4.60
C GLY A 281 16.42 12.09 5.32
N PRO A 282 17.10 13.13 4.87
CA PRO A 282 17.05 14.42 5.56
C PRO A 282 15.62 14.95 5.71
N ILE A 283 15.35 15.57 6.87
CA ILE A 283 14.00 16.08 7.13
C ILE A 283 13.68 17.24 6.21
N SER A 284 14.69 17.97 5.76
CA SER A 284 14.57 19.03 4.76
C SER A 284 15.86 19.02 3.97
N THR A 285 15.81 19.54 2.74
CA THR A 285 16.98 19.44 1.87
C THR A 285 18.21 20.05 2.54
N GLY A 286 19.29 19.28 2.58
CA GLY A 286 20.54 19.72 3.16
C GLY A 286 20.69 19.53 4.66
N SER A 287 19.64 19.08 5.35
CA SER A 287 19.73 18.87 6.79
C SER A 287 20.52 17.60 7.11
N SER A 288 21.19 17.62 8.26
CA SER A 288 21.83 16.41 8.76
C SER A 288 20.96 15.66 9.77
N SER A 289 19.69 16.04 9.91
CA SER A 289 18.73 15.29 10.70
CA SER A 289 18.72 15.31 10.71
C SER A 289 17.85 14.51 9.74
N CYS A 290 17.68 13.22 10.01
CA CYS A 290 16.97 12.31 9.11
C CYS A 290 15.67 11.81 9.72
N PHE A 291 14.70 11.51 8.85
CA PHE A 291 13.38 11.08 9.32
C PHE A 291 13.32 9.56 9.45
N GLY A 292 12.79 9.09 10.59
CA GLY A 292 12.71 7.65 10.83
C GLY A 292 11.56 6.97 10.11
N GLY A 293 11.80 5.71 9.74
CA GLY A 293 10.80 4.90 9.06
C GLY A 293 9.89 4.09 9.96
N ILE A 294 10.15 4.09 11.26
CA ILE A 294 9.29 3.51 12.27
C ILE A 294 8.78 4.65 13.14
N GLN A 295 7.46 4.78 13.25
CA GLN A 295 6.84 5.91 13.93
C GLN A 295 5.70 5.42 14.79
N SER A 296 5.31 6.23 15.78
CA SER A 296 4.22 5.88 16.67
C SER A 296 2.88 5.94 15.96
N SER A 297 2.04 4.95 16.26
CA SER A 297 0.66 4.91 15.79
C SER A 297 -0.30 5.65 16.71
N ALA A 298 0.19 6.29 17.77
CA ALA A 298 -0.70 6.87 18.78
C ALA A 298 -1.68 7.86 18.14
N GLY A 299 -1.22 8.70 17.23
CA GLY A 299 -2.12 9.64 16.59
C GLY A 299 -3.09 9.03 15.59
N ILE A 300 -2.87 7.78 15.19
CA ILE A 300 -3.62 7.18 14.08
C ILE A 300 -4.84 6.40 14.56
N GLY A 301 -4.71 5.67 15.66
CA GLY A 301 -5.76 4.80 16.12
C GLY A 301 -5.65 3.37 15.65
N ILE A 302 -4.65 3.05 14.83
CA ILE A 302 -4.45 1.68 14.36
C ILE A 302 -2.97 1.53 14.03
N ASN A 303 -2.44 0.32 14.23
CA ASN A 303 -1.08 0.05 13.81
C ASN A 303 -1.07 -0.29 12.33
N ILE A 304 -0.03 0.13 11.63
CA ILE A 304 0.04 -0.03 10.17
C ILE A 304 1.37 -0.66 9.79
N PHE A 305 1.32 -1.88 9.27
CA PHE A 305 2.48 -2.53 8.63
C PHE A 305 2.53 -2.04 7.19
N GLY A 306 3.13 -0.87 7.01
CA GLY A 306 3.29 -0.25 5.70
C GLY A 306 4.50 -0.78 4.96
N ASP A 307 4.90 -0.02 3.93
CA ASP A 307 5.92 -0.51 2.99
C ASP A 307 7.23 -0.87 3.69
N VAL A 308 7.64 -0.10 4.72
CA VAL A 308 8.87 -0.40 5.45
C VAL A 308 8.90 -1.85 5.92
N ALA A 309 7.76 -2.34 6.43
CA ALA A 309 7.68 -3.73 6.87
C ALA A 309 7.45 -4.67 5.70
N LEU A 310 6.50 -4.35 4.83
CA LEU A 310 6.10 -5.30 3.80
C LEU A 310 7.22 -5.56 2.79
N LYS A 311 8.06 -4.56 2.51
CA LYS A 311 9.11 -4.77 1.53
C LYS A 311 10.21 -5.70 2.03
N ALA A 312 10.24 -6.02 3.33
CA ALA A 312 11.15 -7.01 3.86
C ALA A 312 10.63 -8.43 3.68
N ALA A 313 9.44 -8.60 3.08
CA ALA A 313 8.81 -9.91 2.99
C ALA A 313 8.20 -10.14 1.62
N PHE A 314 7.94 -11.41 1.33
CA PHE A 314 7.00 -11.80 0.28
C PHE A 314 5.66 -11.99 0.96
N VAL A 315 4.63 -11.27 0.53
CA VAL A 315 3.37 -11.19 1.26
C VAL A 315 2.24 -11.74 0.40
N VAL A 316 1.54 -12.73 0.93
CA VAL A 316 0.39 -13.35 0.26
C VAL A 316 -0.90 -12.79 0.85
N PHE A 317 -1.71 -12.21 0.00
CA PHE A 317 -3.05 -11.76 0.36
C PHE A 317 -3.99 -12.83 -0.16
N ASN A 318 -4.41 -13.73 0.73
CA ASN A 318 -5.21 -14.89 0.38
C ASN A 318 -6.68 -14.53 0.53
N GLY A 319 -7.39 -14.42 -0.60
CA GLY A 319 -8.78 -14.05 -0.58
C GLY A 319 -9.75 -15.23 -0.70
N ALA A 320 -9.36 -16.37 -0.13
CA ALA A 320 -10.28 -17.49 0.00
C ALA A 320 -11.49 -17.09 0.84
N THR A 321 -12.46 -18.02 0.93
CA THR A 321 -13.69 -17.72 1.66
C THR A 321 -13.41 -17.17 3.05
N THR A 322 -12.45 -17.75 3.75
CA THR A 322 -11.91 -17.13 4.96
C THR A 322 -10.53 -16.57 4.63
N PRO A 323 -10.40 -15.26 4.44
CA PRO A 323 -9.10 -14.71 4.03
C PRO A 323 -8.03 -14.91 5.09
N THR A 324 -6.78 -15.04 4.63
CA THR A 324 -5.62 -15.09 5.51
C THR A 324 -4.51 -14.29 4.86
N LEU A 325 -3.42 -14.09 5.62
CA LEU A 325 -2.24 -13.37 5.18
C LEU A 325 -1.03 -14.27 5.35
N GLY A 326 -0.18 -14.32 4.34
CA GLY A 326 1.06 -15.10 4.41
C GLY A 326 2.28 -14.20 4.31
N PHE A 327 3.31 -14.54 5.09
CA PHE A 327 4.59 -13.83 5.05
C PHE A 327 5.73 -14.82 4.88
N ALA A 328 6.64 -14.54 3.96
CA ALA A 328 7.90 -15.27 3.87
C ALA A 328 9.05 -14.28 3.82
N SER A 329 10.20 -14.72 4.32
CA SER A 329 11.44 -13.99 4.06
C SER A 329 11.83 -14.14 2.59
N LYS A 330 12.73 -13.25 2.13
CA LYS A 330 13.10 -13.29 0.72
C LYS A 330 14.50 -12.78 0.49
C1 AB1 B . 2.18 9.55 1.95
C2 AB1 B . -0.05 9.41 3.06
N1 AB1 B . 0.38 8.12 3.59
C3 AB1 B . 1.61 7.60 3.39
N2 AB1 B . 2.44 8.23 2.51
C4 AB1 B . -4.90 4.15 6.83
C5 AB1 B . -4.80 5.27 7.65
C6 AB1 B . -5.64 5.41 8.74
C7 AB1 B . -6.58 4.45 9.03
C8 AB1 B . -6.69 3.33 8.22
C9 AB1 B . -5.86 3.20 7.12
O1 AB1 B . 2.02 6.61 3.97
C10 AB1 B . -0.59 7.36 4.41
C11 AB1 B . -1.93 7.31 3.67
N3 AB1 B . -1.99 6.51 2.58
C12 AB1 B . -3.16 6.44 1.72
C13 AB1 B . -0.74 7.88 5.86
C14 AB1 B . 0.62 8.21 6.48
C15 AB1 B . -1.49 6.89 6.73
O2 AB1 B . -2.90 7.95 4.08
C16 AB1 B . -2.26 10.33 0.14
C17 AB1 B . -1.28 10.46 -0.82
C18 AB1 B . -0.77 9.34 -1.44
C19 AB1 B . -1.25 8.08 -1.10
C20 AB1 B . -2.24 7.94 -0.13
C21 AB1 B . -2.74 9.08 0.49
C22 AB1 B . -2.76 6.58 0.24
C23 AB1 B . -3.93 5.13 1.89
C24 AB1 B . -3.61 4.33 3.14
C25 AB1 B . -4.52 4.64 4.34
N4 AB1 B . -5.89 4.18 4.11
C26 AB1 B . -6.97 4.93 4.40
C27 AB1 B . -8.31 4.28 4.18
O3 AB1 B . -9.38 5.13 4.64
C28 AB1 B . -10.55 4.51 5.00
O4 AB1 B . -3.70 2.95 2.78
C29 AB1 B . -3.99 4.00 5.64
O5 AB1 B . -6.89 6.08 4.81
C30 AB1 B . -10.79 4.25 6.36
C31 AB1 B . -11.99 3.64 6.70
C32 AB1 B . -12.92 3.30 5.74
C33 AB1 B . -12.67 3.57 4.41
C34 AB1 B . -11.48 4.17 4.01
C35 AB1 B . -11.23 4.48 2.55
C36 AB1 B . -9.80 4.65 7.42
C37 AB1 B . 0.71 9.76 1.79
C1 PGE C . 10.88 13.55 4.54
O1 PGE C . 10.56 13.94 5.88
C2 PGE C . 10.99 12.04 4.45
O2 PGE C . 9.72 11.46 4.73
C3 PGE C . 9.27 10.59 3.71
C4 PGE C . 8.28 9.60 4.31
O4 PGE C . 5.17 10.94 6.82
C6 PGE C . 4.93 10.39 5.52
C5 PGE C . 6.07 9.47 5.15
O3 PGE C . 6.99 10.14 4.30
C1 EDO D . 21.51 4.71 7.42
O1 EDO D . 21.42 5.65 8.49
C2 EDO D . 20.70 3.46 7.78
O2 EDO D . 21.51 2.59 8.57
O1 PG4 E . 8.01 -12.29 -12.32
C1 PG4 E . 7.03 -12.35 -13.35
C2 PG4 E . 6.09 -13.50 -13.14
O2 PG4 E . 6.76 -14.73 -13.42
C3 PG4 E . 7.36 -15.31 -12.27
C4 PG4 E . 7.45 -16.78 -12.46
O3 PG4 E . 6.14 -17.31 -12.66
C5 PG4 E . 6.12 -18.72 -12.77
C6 PG4 E . 4.71 -19.19 -12.87
O4 PG4 E . 4.05 -18.51 -13.94
C7 PG4 E . 2.83 -19.12 -14.30
C8 PG4 E . 1.85 -18.08 -14.76
O5 PG4 E . 2.02 -17.78 -16.14
C1 EDO F . -2.25 -21.10 -4.59
O1 EDO F . -0.94 -21.59 -4.86
C2 EDO F . -2.32 -20.19 -3.37
O2 EDO F . -3.54 -20.40 -2.66
O1 PG4 G . -10.37 -7.61 15.70
C1 PG4 G . -8.97 -7.78 15.84
C2 PG4 G . -8.33 -8.15 14.54
O2 PG4 G . -6.99 -8.57 14.75
C3 PG4 G . -6.61 -9.72 14.02
C4 PG4 G . -7.53 -10.85 14.37
O3 PG4 G . -7.10 -12.04 13.74
C5 PG4 G . -7.61 -13.20 14.38
C6 PG4 G . -9.09 -13.27 14.19
O4 PG4 G . -9.39 -13.21 12.80
C7 PG4 G . -10.70 -13.65 12.49
C8 PG4 G . -11.67 -12.54 12.73
O5 PG4 G . -12.90 -12.78 12.08
#